data_7RYB
#
_entry.id   7RYB
#
_cell.length_a   79.180
_cell.length_b   67.300
_cell.length_c   81.330
_cell.angle_alpha   90.000
_cell.angle_beta   99.790
_cell.angle_gamma   90.000
#
_symmetry.space_group_name_H-M   'P 1 21 1'
#
loop_
_entity.id
_entity.type
_entity.pdbx_description
1 polymer 'Lanosterol 14-alpha demethylase'
2 non-polymer 'PROTOPORPHYRIN IX CONTAINING FE'
3 non-polymer Voriconazole
4 water water
#
_entity_poly.entity_id   1
_entity_poly.type   'polypeptide(L)'
_entity_poly.pdbx_seq_one_letter_code
;MSATKSIVGEALEYVNIGLSHFLALPLAQRISLIIIIPFIYNIVWQLLYSLRKDRPPLVFYWIPWVGSAVVYGMKPYEFF
EECQKKYGDIFSFVLLGRVMTVYLGPKGHEFVFNAKLADVSAEAAYAHLTTPVFGKGVIHDCPNSRLMEQKKFVKGALTK
EAFKSYVPLIAEEVYKYFRDSKNFRLNERTTGTIDVMVTQPEMTIFTASRSLLGKEMRAKLDTDFAYLYSDLDKGFTPIN
FVFPNLPLEHYRKRDHAQKAISGTYMSLIKERRKNNDIQDRDLIDSLMKNSTYKDGVKMTDQEIANLLIGVLMGGQHTSA
ATSAWILLHLAERPDVQQELYEEQMRVLDGGKKELTYDLLQEMPLLNQTIKETLRMHHPLHSLFRKVMKDMHVPNTSYVI
PAGYHVLVSPGYTHLRDEYFPNAHQFNIHRWNNDSASSYSVGEEVDYGFGAISKGVSSPYLPFGGGRHRCTGEHFAYCQL
GVLMSIFIRTLKWHYPEGKTVPPPDFTSMVTLPTGPAKIIWEKRNPEQKIGGRHHHHHH
;
_entity_poly.pdbx_strand_id   A
#
loop_
_chem_comp.id
_chem_comp.type
_chem_comp.name
_chem_comp.formula
HEM non-polymer 'PROTOPORPHYRIN IX CONTAINING FE' 'C34 H32 Fe N4 O4'
VOR non-polymer Voriconazole 'C16 H14 F3 N5 O'
#
# COMPACT_ATOMS: atom_id res chain seq x y z
N GLY A 9 38.66 13.93 -47.22
CA GLY A 9 38.10 13.42 -48.47
C GLY A 9 38.38 11.94 -48.69
N GLU A 10 39.63 11.63 -49.03
CA GLU A 10 40.09 10.24 -49.08
C GLU A 10 39.80 9.48 -47.79
N ALA A 11 39.61 10.20 -46.67
CA ALA A 11 39.22 9.54 -45.42
C ALA A 11 37.77 9.08 -45.47
N LEU A 12 36.92 9.82 -46.18
CA LEU A 12 35.52 9.43 -46.31
C LEU A 12 35.37 8.04 -46.93
N GLU A 13 36.24 7.71 -47.89
CA GLU A 13 36.30 6.33 -48.37
C GLU A 13 36.54 5.36 -47.21
N TYR A 14 37.31 5.78 -46.19
CA TYR A 14 37.75 4.85 -45.16
C TYR A 14 36.78 4.71 -44.00
N VAL A 15 35.95 5.71 -43.71
CA VAL A 15 34.79 5.43 -42.85
C VAL A 15 33.91 4.38 -43.50
N ASN A 16 33.74 4.49 -44.83
CA ASN A 16 33.03 3.49 -45.60
C ASN A 16 33.71 2.13 -45.49
N ILE A 17 35.01 2.08 -45.83
CA ILE A 17 35.75 0.82 -45.75
C ILE A 17 35.59 0.20 -44.37
N GLY A 18 35.80 1.00 -43.33
CA GLY A 18 35.81 0.45 -41.98
C GLY A 18 34.45 -0.05 -41.58
N LEU A 19 33.40 0.63 -42.04
CA LEU A 19 32.04 0.14 -41.81
C LEU A 19 31.85 -1.25 -42.40
N SER A 20 32.49 -1.54 -43.55
CA SER A 20 32.38 -2.87 -44.13
C SER A 20 33.15 -3.91 -43.30
N HIS A 21 34.36 -3.56 -42.87
CA HIS A 21 35.13 -4.49 -42.03
C HIS A 21 34.48 -4.67 -40.66
N PHE A 22 33.79 -3.64 -40.16
CA PHE A 22 33.02 -3.81 -38.93
C PHE A 22 32.00 -4.93 -39.09
N LEU A 23 31.30 -4.95 -40.21
CA LEU A 23 30.27 -5.94 -40.46
C LEU A 23 30.87 -7.35 -40.58
N ALA A 24 32.12 -7.45 -41.03
CA ALA A 24 32.81 -8.72 -41.25
C ALA A 24 33.75 -9.09 -40.11
N LEU A 25 33.40 -8.74 -38.87
CA LEU A 25 34.17 -9.22 -37.73
C LEU A 25 33.63 -10.57 -37.26
N PRO A 26 34.44 -11.38 -36.57
CA PRO A 26 33.95 -12.66 -36.04
C PRO A 26 32.78 -12.48 -35.09
N LEU A 27 31.90 -13.49 -35.03
CA LEU A 27 30.79 -13.44 -34.08
C LEU A 27 31.26 -13.27 -32.64
N ALA A 28 32.55 -13.56 -32.36
CA ALA A 28 33.10 -13.35 -31.02
C ALA A 28 33.26 -11.87 -30.70
N GLN A 29 33.71 -11.08 -31.68
CA GLN A 29 33.95 -9.65 -31.47
C GLN A 29 32.71 -8.81 -31.73
N ARG A 30 31.82 -9.27 -32.62
CA ARG A 30 30.56 -8.57 -32.81
C ARG A 30 29.69 -8.66 -31.56
N ILE A 31 29.48 -9.88 -31.07
CA ILE A 31 28.74 -10.09 -29.82
C ILE A 31 29.29 -9.18 -28.73
N SER A 32 30.62 -9.18 -28.57
CA SER A 32 31.21 -8.41 -27.47
C SER A 32 31.07 -6.91 -27.69
N LEU A 33 31.22 -6.43 -28.93
CA LEU A 33 31.01 -5.01 -29.19
C LEU A 33 29.55 -4.64 -28.99
N ILE A 34 28.64 -5.60 -29.20
CA ILE A 34 27.22 -5.39 -28.90
C ILE A 34 27.03 -5.04 -27.44
N ILE A 35 27.97 -5.44 -26.58
CA ILE A 35 27.88 -5.29 -25.14
C ILE A 35 28.93 -4.31 -24.60
N ILE A 36 29.66 -3.62 -25.48
CA ILE A 36 30.63 -2.64 -25.06
C ILE A 36 30.31 -1.25 -25.60
N ILE A 37 29.81 -1.18 -26.82
CA ILE A 37 29.33 0.10 -27.35
C ILE A 37 28.24 0.68 -26.46
N PRO A 38 27.20 -0.05 -26.07
CA PRO A 38 26.19 0.56 -25.21
C PRO A 38 26.67 0.79 -23.79
N PHE A 39 27.53 -0.10 -23.27
CA PHE A 39 28.13 0.13 -21.96
C PHE A 39 28.98 1.38 -21.95
N ILE A 40 29.90 1.51 -22.91
CA ILE A 40 30.75 2.70 -22.94
C ILE A 40 29.91 3.92 -23.28
N TYR A 41 28.84 3.75 -24.04
CA TYR A 41 28.07 4.91 -24.45
C TYR A 41 27.32 5.53 -23.27
N ASN A 42 26.73 4.71 -22.40
CA ASN A 42 25.93 5.29 -21.32
C ASN A 42 26.80 5.87 -20.22
N ILE A 43 28.02 5.34 -20.01
CA ILE A 43 28.97 5.96 -19.08
C ILE A 43 29.36 7.36 -19.55
N VAL A 44 29.54 7.53 -20.86
CA VAL A 44 29.92 8.84 -21.38
C VAL A 44 28.70 9.76 -21.56
N TRP A 45 27.49 9.20 -21.62
CA TRP A 45 26.30 10.04 -21.66
C TRP A 45 26.02 10.65 -20.29
N GLN A 46 26.11 9.81 -19.24
CA GLN A 46 25.94 10.29 -17.88
C GLN A 46 26.90 11.44 -17.58
N LEU A 47 28.19 11.23 -17.89
CA LEU A 47 29.19 12.28 -17.67
C LEU A 47 28.77 13.60 -18.29
N LEU A 48 28.21 13.57 -19.51
CA LEU A 48 27.70 14.79 -20.13
C LEU A 48 26.45 15.30 -19.42
N TYR A 49 25.60 14.37 -18.93
CA TYR A 49 24.34 14.75 -18.28
C TYR A 49 24.58 15.56 -17.00
N SER A 50 25.67 15.26 -16.28
CA SER A 50 25.94 15.93 -15.02
C SER A 50 26.37 17.38 -15.18
N LEU A 51 26.75 17.80 -16.40
CA LEU A 51 26.98 19.22 -16.64
C LEU A 51 25.69 19.99 -16.88
N ARG A 52 24.62 19.30 -17.27
CA ARG A 52 23.31 19.93 -17.32
C ARG A 52 22.95 20.43 -15.93
N LYS A 53 22.78 21.74 -15.81
CA LYS A 53 22.48 22.32 -14.53
C LYS A 53 20.99 22.59 -14.35
N ASP A 54 20.18 22.43 -15.41
CA ASP A 54 18.73 22.45 -15.26
C ASP A 54 18.15 21.07 -14.93
N ARG A 55 19.01 20.08 -14.64
CA ARG A 55 18.58 18.75 -14.27
C ARG A 55 19.11 18.39 -12.88
N PRO A 56 18.31 17.68 -12.07
CA PRO A 56 18.83 17.21 -10.79
C PRO A 56 19.87 16.13 -11.01
N PRO A 57 20.84 16.02 -10.11
CA PRO A 57 21.94 15.06 -10.30
C PRO A 57 21.41 13.65 -10.45
N LEU A 58 21.93 12.95 -11.45
CA LEU A 58 21.57 11.56 -11.70
C LEU A 58 22.63 10.65 -11.09
N VAL A 59 22.20 9.66 -10.32
CA VAL A 59 23.16 8.87 -9.58
C VAL A 59 23.71 7.77 -10.46
N PHE A 60 25.04 7.62 -10.41
CA PHE A 60 25.77 6.79 -11.36
C PHE A 60 25.32 5.34 -11.28
N TYR A 61 25.17 4.72 -12.45
CA TYR A 61 24.90 3.29 -12.60
C TYR A 61 25.80 2.70 -13.68
N TRP A 62 26.11 1.40 -13.55
CA TRP A 62 26.98 0.75 -14.53
C TRP A 62 26.19 0.15 -15.70
N ILE A 63 25.32 -0.82 -15.41
CA ILE A 63 24.45 -1.51 -16.37
C ILE A 63 23.39 -0.56 -16.93
N PRO A 64 23.34 -0.31 -18.24
CA PRO A 64 22.27 0.53 -18.79
C PRO A 64 20.90 -0.13 -18.66
N TRP A 65 19.88 0.72 -18.76
CA TRP A 65 18.48 0.34 -18.60
C TRP A 65 18.17 -0.21 -17.22
N VAL A 66 18.79 -1.34 -16.83
CA VAL A 66 18.59 -1.88 -15.48
C VAL A 66 18.72 -0.77 -14.45
N GLY A 67 19.75 0.06 -14.59
CA GLY A 67 19.97 1.22 -13.74
C GLY A 67 20.39 0.90 -12.33
N SER A 68 19.73 1.56 -11.37
CA SER A 68 19.95 1.33 -9.95
C SER A 68 18.90 0.42 -9.33
N ALA A 69 18.12 -0.29 -10.16
CA ALA A 69 16.97 -1.04 -9.67
C ALA A 69 17.34 -2.06 -8.60
N VAL A 70 18.54 -2.62 -8.65
CA VAL A 70 18.87 -3.68 -7.71
C VAL A 70 18.95 -3.13 -6.29
N VAL A 71 19.64 -2.00 -6.10
CA VAL A 71 19.73 -1.49 -4.73
C VAL A 71 18.46 -0.74 -4.32
N TYR A 72 17.77 -0.10 -5.26
CA TYR A 72 16.51 0.55 -4.92
C TYR A 72 15.48 -0.50 -4.47
N GLY A 73 15.36 -1.61 -5.19
CA GLY A 73 14.38 -2.61 -4.80
C GLY A 73 14.69 -3.29 -3.47
N MET A 74 15.97 -3.38 -3.12
CA MET A 74 16.34 -4.18 -1.95
C MET A 74 16.39 -3.37 -0.66
N LYS A 75 16.99 -2.19 -0.68
CA LYS A 75 17.09 -1.34 0.51
C LYS A 75 16.82 0.09 0.11
N PRO A 76 15.55 0.43 -0.16
CA PRO A 76 15.25 1.74 -0.73
C PRO A 76 15.47 2.89 0.22
N TYR A 77 15.27 2.71 1.52
CA TYR A 77 15.55 3.78 2.47
C TYR A 77 17.04 3.97 2.72
N GLU A 78 17.84 2.91 2.59
CA GLU A 78 19.29 3.08 2.66
C GLU A 78 19.80 3.78 1.40
N PHE A 79 19.24 3.42 0.24
CA PHE A 79 19.58 4.10 -1.02
C PHE A 79 19.25 5.59 -0.93
N PHE A 80 18.04 5.90 -0.45
CA PHE A 80 17.62 7.30 -0.34
C PHE A 80 18.51 8.09 0.60
N GLU A 81 18.87 7.50 1.74
CA GLU A 81 19.77 8.17 2.67
C GLU A 81 21.15 8.40 2.06
N GLU A 82 21.68 7.39 1.37
CA GLU A 82 22.99 7.54 0.73
C GLU A 82 22.95 8.64 -0.32
N CYS A 83 21.91 8.66 -1.16
CA CYS A 83 21.75 9.70 -2.16
C CYS A 83 21.53 11.07 -1.53
N GLN A 84 20.83 11.11 -0.39
CA GLN A 84 20.59 12.39 0.27
C GLN A 84 21.89 13.00 0.77
N LYS A 85 22.82 12.17 1.25
CA LYS A 85 24.08 12.69 1.75
C LYS A 85 24.96 13.20 0.62
N LYS A 86 24.80 12.66 -0.58
CA LYS A 86 25.64 13.03 -1.72
C LYS A 86 25.09 14.22 -2.50
N TYR A 87 23.76 14.29 -2.73
CA TYR A 87 23.19 15.32 -3.60
C TYR A 87 22.00 16.04 -2.96
N GLY A 88 21.80 15.96 -1.65
CA GLY A 88 20.66 16.67 -1.08
C GLY A 88 19.34 15.94 -1.31
N ASP A 89 18.24 16.71 -1.26
CA ASP A 89 16.91 16.10 -1.24
C ASP A 89 16.35 15.75 -2.61
N ILE A 90 16.87 16.36 -3.68
CA ILE A 90 16.38 16.10 -5.02
C ILE A 90 17.50 15.43 -5.81
N PHE A 91 17.18 14.33 -6.46
CA PHE A 91 18.13 13.60 -7.27
C PHE A 91 17.36 12.64 -8.14
N SER A 92 17.98 12.22 -9.24
CA SER A 92 17.38 11.24 -10.12
C SER A 92 18.15 9.94 -10.05
N PHE A 93 17.44 8.87 -10.37
CA PHE A 93 18.11 7.61 -10.62
C PHE A 93 17.30 6.91 -11.72
N VAL A 94 17.96 6.01 -12.44
CA VAL A 94 17.26 5.29 -13.50
C VAL A 94 16.87 3.93 -12.96
N LEU A 95 15.66 3.49 -13.33
CA LEU A 95 15.02 2.30 -12.81
C LEU A 95 14.41 1.57 -14.00
N LEU A 96 15.00 0.41 -14.35
CA LEU A 96 14.50 -0.47 -15.41
C LEU A 96 13.87 0.29 -16.58
N GLY A 97 14.63 1.22 -17.16
CA GLY A 97 14.18 1.95 -18.31
C GLY A 97 13.59 3.32 -18.02
N ARG A 98 13.09 3.55 -16.82
CA ARG A 98 12.53 4.83 -16.45
C ARG A 98 13.55 5.69 -15.70
N VAL A 99 13.26 6.99 -15.61
CA VAL A 99 14.08 7.92 -14.83
C VAL A 99 13.23 8.50 -13.70
N MET A 100 13.59 8.18 -12.46
CA MET A 100 12.85 8.61 -11.28
C MET A 100 13.59 9.77 -10.63
N THR A 101 12.88 10.89 -10.40
CA THR A 101 13.41 11.96 -9.58
C THR A 101 12.74 11.92 -8.22
N VAL A 102 13.52 11.53 -7.21
CA VAL A 102 13.10 11.57 -5.82
C VAL A 102 13.16 12.99 -5.30
N TYR A 103 12.12 13.43 -4.59
CA TYR A 103 12.15 14.66 -3.78
C TYR A 103 11.88 14.25 -2.33
N LEU A 104 12.95 14.12 -1.54
CA LEU A 104 12.85 13.72 -0.14
C LEU A 104 12.39 14.87 0.73
N GLY A 105 11.60 14.54 1.74
CA GLY A 105 11.27 15.49 2.77
C GLY A 105 9.96 16.21 2.52
N PRO A 106 9.56 17.05 3.47
CA PRO A 106 8.25 17.72 3.36
C PRO A 106 8.09 18.56 2.09
N LYS A 107 9.10 19.35 1.69
CA LYS A 107 8.98 20.06 0.42
C LYS A 107 8.78 19.07 -0.73
N GLY A 108 9.35 17.88 -0.61
CA GLY A 108 9.09 16.84 -1.60
C GLY A 108 7.68 16.30 -1.52
N HIS A 109 7.16 16.09 -0.30
CA HIS A 109 5.76 15.69 -0.19
C HIS A 109 4.87 16.70 -0.90
N GLU A 110 5.18 18.00 -0.76
CA GLU A 110 4.36 19.06 -1.36
C GLU A 110 4.51 19.08 -2.88
N PHE A 111 5.75 19.04 -3.36
CA PHE A 111 6.02 19.07 -4.81
C PHE A 111 5.23 18.02 -5.59
N VAL A 112 4.80 16.92 -4.96
CA VAL A 112 4.33 15.73 -5.66
C VAL A 112 2.89 15.41 -5.31
N PHE A 113 2.53 15.51 -4.02
CA PHE A 113 1.16 15.19 -3.67
C PHE A 113 0.22 16.34 -4.01
N ASN A 114 0.74 17.53 -4.23
CA ASN A 114 -0.08 18.68 -4.59
C ASN A 114 0.21 19.17 -6.00
N ALA A 115 0.97 18.39 -6.77
CA ALA A 115 1.20 18.70 -8.18
C ALA A 115 -0.13 18.92 -8.91
N LYS A 116 -0.08 19.77 -9.95
CA LYS A 116 -1.26 19.98 -10.76
C LYS A 116 -1.58 18.73 -11.58
N LEU A 117 -2.89 18.48 -11.78
CA LEU A 117 -3.32 17.39 -12.66
C LEU A 117 -2.64 17.46 -14.04
N ALA A 118 -2.41 18.68 -14.52
CA ALA A 118 -1.70 18.92 -15.77
C ALA A 118 -0.25 18.43 -15.74
N ASP A 119 0.39 18.38 -14.56
CA ASP A 119 1.82 18.11 -14.51
C ASP A 119 2.15 16.62 -14.37
N VAL A 120 1.36 15.86 -13.61
CA VAL A 120 1.70 14.49 -13.27
C VAL A 120 0.44 13.65 -13.39
N SER A 121 0.64 12.36 -13.70
CA SER A 121 -0.44 11.37 -13.72
C SER A 121 -0.08 10.16 -12.87
N ALA A 122 -0.96 9.81 -11.92
CA ALA A 122 -0.81 8.53 -11.24
C ALA A 122 -1.29 7.36 -12.09
N GLU A 123 -2.41 7.55 -12.82
CA GLU A 123 -2.92 6.57 -13.78
C GLU A 123 -1.84 6.10 -14.74
N ALA A 124 -1.13 7.07 -15.33
CA ALA A 124 -0.01 6.81 -16.25
C ALA A 124 1.09 5.96 -15.64
N ALA A 125 1.24 5.97 -14.31
CA ALA A 125 2.31 5.23 -13.68
C ALA A 125 1.90 3.83 -13.29
N TYR A 126 0.63 3.66 -12.93
CA TYR A 126 0.20 2.44 -12.27
C TYR A 126 -0.78 1.61 -13.07
N ALA A 127 -1.27 2.09 -14.22
CA ALA A 127 -2.32 1.37 -14.94
C ALA A 127 -1.85 -0.01 -15.36
N HIS A 128 -0.56 -0.14 -15.69
CA HIS A 128 -0.04 -1.46 -16.10
C HIS A 128 -0.03 -2.43 -14.93
N LEU A 129 0.10 -1.94 -13.71
CA LEU A 129 0.17 -2.78 -12.53
C LEU A 129 -1.20 -3.12 -11.95
N THR A 130 -2.15 -2.18 -11.96
CA THR A 130 -3.43 -2.43 -11.31
C THR A 130 -4.43 -3.09 -12.24
N THR A 131 -4.56 -2.58 -13.46
CA THR A 131 -5.67 -3.01 -14.31
C THR A 131 -5.68 -4.51 -14.59
N PRO A 132 -4.54 -5.20 -14.81
CA PRO A 132 -4.58 -6.67 -14.93
C PRO A 132 -5.18 -7.38 -13.74
N VAL A 133 -5.06 -6.83 -12.54
CA VAL A 133 -5.52 -7.50 -11.34
C VAL A 133 -6.95 -7.12 -11.02
N PHE A 134 -7.26 -5.83 -10.97
CA PHE A 134 -8.57 -5.37 -10.55
C PHE A 134 -9.62 -5.60 -11.63
N GLY A 135 -9.22 -5.60 -12.89
CA GLY A 135 -10.15 -5.47 -14.00
C GLY A 135 -10.13 -4.07 -14.55
N LYS A 136 -10.90 -3.87 -15.61
CA LYS A 136 -10.85 -2.63 -16.38
C LYS A 136 -11.96 -1.67 -15.97
N GLY A 137 -11.79 -0.40 -16.34
CA GLY A 137 -12.80 0.60 -16.13
C GLY A 137 -12.69 1.37 -14.83
N VAL A 138 -11.85 0.91 -13.89
CA VAL A 138 -11.79 1.44 -12.54
C VAL A 138 -10.36 1.77 -12.17
N ILE A 139 -10.22 2.72 -11.24
CA ILE A 139 -8.97 3.05 -10.54
C ILE A 139 -7.98 3.72 -11.49
N HIS A 140 -7.14 2.94 -12.15
CA HIS A 140 -6.16 3.53 -13.05
C HIS A 140 -6.47 3.31 -14.52
N ASP A 141 -7.37 2.39 -14.83
CA ASP A 141 -7.90 2.27 -16.17
C ASP A 141 -9.12 3.17 -16.32
N CYS A 142 -8.91 4.46 -16.04
CA CYS A 142 -9.90 5.50 -16.36
C CYS A 142 -9.29 6.89 -16.19
N PRO A 143 -9.99 7.97 -16.57
CA PRO A 143 -9.46 9.31 -16.34
C PRO A 143 -9.55 9.73 -14.88
N ASN A 144 -8.62 10.60 -14.47
CA ASN A 144 -8.53 10.99 -13.07
C ASN A 144 -9.88 11.47 -12.54
N SER A 145 -10.74 11.98 -13.41
CA SER A 145 -12.03 12.50 -12.95
C SER A 145 -12.96 11.36 -12.60
N ARG A 146 -12.88 10.25 -13.32
CA ARG A 146 -13.63 9.07 -12.95
C ARG A 146 -13.13 8.52 -11.61
N LEU A 147 -11.81 8.42 -11.46
CA LEU A 147 -11.21 8.02 -10.19
C LEU A 147 -11.77 8.82 -9.02
N MET A 148 -11.78 10.16 -9.14
CA MET A 148 -12.28 11.02 -8.06
C MET A 148 -13.71 10.68 -7.68
N GLU A 149 -14.52 10.26 -8.66
CA GLU A 149 -15.92 9.98 -8.39
C GLU A 149 -16.11 8.59 -7.79
N GLN A 150 -15.32 7.61 -8.26
CA GLN A 150 -15.28 6.30 -7.62
C GLN A 150 -14.93 6.42 -6.14
N LYS A 151 -13.90 7.20 -5.81
CA LYS A 151 -13.54 7.42 -4.42
C LYS A 151 -14.70 8.04 -3.65
N LYS A 152 -15.45 8.95 -4.28
CA LYS A 152 -16.67 9.49 -3.68
C LYS A 152 -17.76 8.43 -3.50
N PHE A 153 -17.78 7.39 -4.37
CA PHE A 153 -18.77 6.30 -4.21
C PHE A 153 -18.40 5.39 -3.05
N VAL A 154 -17.16 4.90 -3.04
CA VAL A 154 -16.63 4.09 -1.93
C VAL A 154 -16.75 4.85 -0.62
N LYS A 155 -16.22 6.09 -0.60
CA LYS A 155 -16.23 6.90 0.62
C LYS A 155 -17.63 7.19 1.11
N GLY A 156 -18.62 7.12 0.23
CA GLY A 156 -20.00 7.20 0.66
C GLY A 156 -20.49 5.97 1.38
N ALA A 157 -19.69 4.91 1.43
CA ALA A 157 -20.03 3.74 2.23
C ALA A 157 -19.11 3.60 3.42
N LEU A 158 -18.27 4.58 3.65
CA LEU A 158 -17.31 4.53 4.73
C LEU A 158 -17.65 5.62 5.73
N THR A 159 -18.89 5.62 6.21
CA THR A 159 -19.40 6.65 7.11
C THR A 159 -19.38 6.15 8.55
N LYS A 160 -19.67 7.09 9.47
CA LYS A 160 -19.70 6.76 10.90
C LYS A 160 -20.79 5.74 11.22
N GLU A 161 -21.96 5.84 10.57
CA GLU A 161 -23.02 4.87 10.80
C GLU A 161 -22.65 3.50 10.23
N ALA A 162 -21.98 3.48 9.06
CA ALA A 162 -21.41 2.24 8.56
C ALA A 162 -20.42 1.66 9.57
N PHE A 163 -19.51 2.49 10.06
CA PHE A 163 -18.47 2.07 10.99
C PHE A 163 -19.04 1.59 12.32
N LYS A 164 -20.19 2.12 12.75
CA LYS A 164 -20.86 1.58 13.94
C LYS A 164 -21.36 0.17 13.72
N SER A 165 -21.71 -0.18 12.50
CA SER A 165 -22.24 -1.51 12.27
C SER A 165 -21.16 -2.51 11.86
N TYR A 166 -20.07 -2.03 11.26
CA TYR A 166 -18.99 -2.96 10.95
C TYR A 166 -18.32 -3.50 12.21
N VAL A 167 -18.45 -2.81 13.34
CA VAL A 167 -17.62 -3.15 14.51
C VAL A 167 -18.11 -4.45 15.14
N PRO A 168 -19.42 -4.65 15.35
CA PRO A 168 -19.85 -6.00 15.81
C PRO A 168 -19.53 -7.13 14.82
N LEU A 169 -19.63 -6.89 13.50
CA LEU A 169 -19.31 -7.93 12.52
C LEU A 169 -17.83 -8.26 12.51
N ILE A 170 -16.99 -7.21 12.46
CA ILE A 170 -15.54 -7.37 12.54
C ILE A 170 -15.18 -8.13 13.80
N ALA A 171 -15.83 -7.80 14.91
CA ALA A 171 -15.45 -8.42 16.18
C ALA A 171 -15.87 -9.88 16.18
N GLU A 172 -17.10 -10.16 15.72
CA GLU A 172 -17.53 -11.53 15.49
C GLU A 172 -16.48 -12.31 14.70
N GLU A 173 -16.06 -11.78 13.56
CA GLU A 173 -15.06 -12.46 12.73
C GLU A 173 -13.75 -12.71 13.47
N VAL A 174 -13.30 -11.78 14.33
CA VAL A 174 -12.05 -12.03 15.05
C VAL A 174 -12.22 -13.23 15.97
N TYR A 175 -13.28 -13.22 16.77
CA TYR A 175 -13.57 -14.32 17.68
C TYR A 175 -13.69 -15.64 16.92
N LYS A 176 -14.49 -15.66 15.84
CA LYS A 176 -14.65 -16.88 15.06
C LYS A 176 -13.31 -17.43 14.63
N TYR A 177 -12.35 -16.53 14.37
CA TYR A 177 -11.03 -16.97 13.94
C TYR A 177 -10.26 -17.59 15.09
N PHE A 178 -10.27 -16.93 16.26
CA PHE A 178 -9.62 -17.50 17.45
C PHE A 178 -10.20 -18.86 17.80
N ARG A 179 -11.50 -19.03 17.58
CA ARG A 179 -12.20 -20.28 17.84
C ARG A 179 -11.83 -21.37 16.85
N ASP A 180 -11.85 -21.07 15.55
CA ASP A 180 -11.76 -22.12 14.53
C ASP A 180 -10.40 -22.25 13.82
N SER A 181 -9.53 -21.25 13.86
CA SER A 181 -8.30 -21.37 13.08
C SER A 181 -7.33 -22.35 13.69
N LYS A 182 -6.75 -23.20 12.83
CA LYS A 182 -5.67 -24.09 13.23
C LYS A 182 -4.54 -23.36 13.95
N ASN A 183 -4.47 -22.03 13.81
CA ASN A 183 -3.43 -21.23 14.47
C ASN A 183 -3.78 -20.89 15.93
N PHE A 184 -5.05 -21.05 16.33
CA PHE A 184 -5.53 -20.70 17.67
C PHE A 184 -6.37 -21.82 18.28
N ARG A 185 -7.64 -21.95 17.86
CA ARG A 185 -8.59 -22.86 18.52
C ARG A 185 -8.46 -22.67 20.01
N LEU A 186 -8.89 -21.50 20.48
CA LEU A 186 -8.71 -21.12 21.86
C LEU A 186 -9.56 -21.96 22.81
N ASN A 187 -10.57 -22.70 22.30
CA ASN A 187 -11.33 -23.57 23.18
C ASN A 187 -10.63 -24.89 23.45
N GLU A 188 -9.61 -25.22 22.67
CA GLU A 188 -8.81 -26.42 22.91
C GLU A 188 -7.36 -26.16 23.25
N ARG A 189 -6.83 -24.96 23.01
CA ARG A 189 -5.45 -24.65 23.34
C ARG A 189 -5.40 -23.38 24.19
N THR A 190 -4.37 -23.28 25.04
CA THR A 190 -4.12 -22.06 25.79
C THR A 190 -2.87 -21.33 25.32
N THR A 191 -1.96 -22.02 24.65
CA THR A 191 -0.73 -21.40 24.15
C THR A 191 -0.48 -21.98 22.76
N GLY A 192 0.43 -21.34 22.02
CA GLY A 192 0.71 -21.75 20.66
C GLY A 192 1.65 -20.78 19.99
N THR A 193 2.09 -21.15 18.80
CA THR A 193 2.92 -20.30 17.95
C THR A 193 2.12 -19.97 16.71
N ILE A 194 2.13 -18.69 16.31
CA ILE A 194 1.60 -18.34 15.01
C ILE A 194 2.68 -17.62 14.25
N ASP A 195 2.61 -17.76 12.93
CA ASP A 195 3.32 -16.93 11.98
C ASP A 195 2.38 -15.78 11.64
N VAL A 196 2.75 -14.55 12.04
CA VAL A 196 1.84 -13.40 11.89
C VAL A 196 1.53 -13.19 10.42
N MET A 197 2.47 -13.54 9.55
CA MET A 197 2.28 -13.41 8.12
C MET A 197 1.36 -14.49 7.52
N VAL A 198 1.05 -15.56 8.27
CA VAL A 198 -0.04 -16.47 7.91
C VAL A 198 -1.37 -16.01 8.51
N THR A 199 -1.37 -15.66 9.82
CA THR A 199 -2.63 -15.30 10.49
C THR A 199 -3.17 -13.96 10.04
N GLN A 200 -2.29 -12.98 9.81
CA GLN A 200 -2.81 -11.62 9.66
C GLN A 200 -3.52 -11.44 8.33
N PRO A 201 -2.98 -11.98 7.22
CA PRO A 201 -3.74 -11.90 5.94
C PRO A 201 -5.11 -12.57 6.00
N GLU A 202 -5.21 -13.72 6.67
CA GLU A 202 -6.50 -14.43 6.77
C GLU A 202 -7.51 -13.60 7.55
N MET A 203 -7.12 -13.09 8.72
CA MET A 203 -7.97 -12.22 9.52
C MET A 203 -8.43 -11.00 8.74
N THR A 204 -7.52 -10.35 7.99
CA THR A 204 -7.89 -9.17 7.23
C THR A 204 -9.00 -9.47 6.24
N ILE A 205 -8.82 -10.52 5.42
CA ILE A 205 -9.77 -10.82 4.36
C ILE A 205 -11.12 -11.25 4.94
N PHE A 206 -11.14 -12.05 6.01
CA PHE A 206 -12.40 -12.40 6.65
C PHE A 206 -13.13 -11.16 7.15
N THR A 207 -12.44 -10.33 7.95
CA THR A 207 -13.08 -9.16 8.53
C THR A 207 -13.47 -8.15 7.45
N ALA A 208 -12.59 -7.92 6.46
CA ALA A 208 -12.92 -7.02 5.36
C ALA A 208 -14.09 -7.55 4.55
N SER A 209 -14.08 -8.85 4.24
CA SER A 209 -15.17 -9.47 3.49
C SER A 209 -16.50 -9.27 4.19
N ARG A 210 -16.63 -9.82 5.39
CA ARG A 210 -17.91 -9.76 6.10
C ARG A 210 -18.45 -8.34 6.18
N SER A 211 -17.57 -7.35 6.31
CA SER A 211 -18.00 -5.98 6.60
C SER A 211 -18.38 -5.22 5.34
N LEU A 212 -17.42 -5.09 4.41
CA LEU A 212 -17.62 -4.34 3.19
C LEU A 212 -18.40 -5.12 2.13
N LEU A 213 -18.21 -6.44 2.02
CA LEU A 213 -18.76 -7.25 0.93
C LEU A 213 -20.09 -7.89 1.25
N GLY A 214 -20.40 -8.11 2.52
CA GLY A 214 -21.62 -8.76 2.95
C GLY A 214 -21.40 -10.20 3.37
N LYS A 215 -22.48 -10.80 3.86
CA LYS A 215 -22.37 -12.13 4.47
C LYS A 215 -22.23 -13.23 3.42
N GLU A 216 -22.91 -13.08 2.28
CA GLU A 216 -22.77 -14.04 1.19
C GLU A 216 -21.33 -14.09 0.70
N MET A 217 -20.75 -12.91 0.43
CA MET A 217 -19.37 -12.85 -0.04
C MET A 217 -18.39 -13.34 1.02
N ARG A 218 -18.69 -13.12 2.31
CA ARG A 218 -17.88 -13.70 3.39
C ARG A 218 -18.02 -15.21 3.42
N ALA A 219 -19.25 -15.70 3.16
CA ALA A 219 -19.51 -17.14 3.19
C ALA A 219 -18.67 -17.89 2.17
N LYS A 220 -18.55 -17.35 0.95
CA LYS A 220 -17.82 -18.03 -0.12
C LYS A 220 -16.35 -18.26 0.26
N LEU A 221 -15.81 -17.56 1.25
CA LEU A 221 -14.39 -17.72 1.58
C LEU A 221 -14.11 -19.01 2.35
N ASP A 222 -15.12 -19.61 2.99
CA ASP A 222 -15.01 -20.86 3.72
C ASP A 222 -14.88 -22.09 2.80
N THR A 223 -14.78 -21.86 1.49
CA THR A 223 -14.85 -22.89 0.45
C THR A 223 -13.58 -22.86 -0.40
N ASP A 224 -13.62 -23.56 -1.55
CA ASP A 224 -12.50 -23.53 -2.50
C ASP A 224 -12.29 -22.14 -3.06
N PHE A 225 -13.36 -21.37 -3.24
CA PHE A 225 -13.34 -20.05 -3.84
C PHE A 225 -12.17 -19.22 -3.32
N ALA A 226 -11.92 -19.32 -2.01
CA ALA A 226 -10.79 -18.68 -1.33
C ALA A 226 -9.49 -18.73 -2.11
N TYR A 227 -9.28 -19.81 -2.87
CA TYR A 227 -8.04 -19.91 -3.63
C TYR A 227 -7.97 -18.89 -4.74
N LEU A 228 -9.11 -18.50 -5.32
CA LEU A 228 -9.10 -17.47 -6.37
C LEU A 228 -8.59 -16.14 -5.83
N TYR A 229 -8.94 -15.80 -4.58
CA TYR A 229 -8.31 -14.66 -3.92
C TYR A 229 -6.81 -14.86 -3.83
N SER A 230 -6.37 -16.08 -3.53
CA SER A 230 -4.94 -16.33 -3.46
C SER A 230 -4.30 -16.23 -4.84
N ASP A 231 -5.00 -16.71 -5.88
CA ASP A 231 -4.47 -16.63 -7.25
C ASP A 231 -4.43 -15.19 -7.73
N LEU A 232 -5.53 -14.47 -7.52
CA LEU A 232 -5.58 -13.04 -7.80
C LEU A 232 -4.52 -12.31 -6.99
N ASP A 233 -4.28 -12.80 -5.76
CA ASP A 233 -3.33 -12.16 -4.85
C ASP A 233 -1.94 -12.05 -5.45
N LYS A 234 -1.54 -13.01 -6.28
CA LYS A 234 -0.17 -13.10 -6.79
C LYS A 234 0.06 -12.32 -8.08
N GLY A 235 -1.00 -11.82 -8.72
CA GLY A 235 -0.78 -10.94 -9.84
C GLY A 235 -0.49 -9.53 -9.43
N PHE A 236 -0.56 -9.29 -8.12
CA PHE A 236 -0.31 -7.99 -7.50
C PHE A 236 1.14 -7.96 -7.01
N THR A 237 2.07 -7.83 -7.96
CA THR A 237 3.51 -7.84 -7.71
C THR A 237 4.18 -6.79 -8.58
N PRO A 238 5.29 -6.19 -8.12
CA PRO A 238 5.99 -5.20 -8.94
C PRO A 238 6.54 -5.77 -10.25
N ILE A 239 6.50 -7.10 -10.43
CA ILE A 239 6.94 -7.70 -11.69
C ILE A 239 6.05 -7.24 -12.83
N ASN A 240 4.76 -6.98 -12.56
CA ASN A 240 3.86 -6.40 -13.55
C ASN A 240 4.34 -5.03 -14.03
N PHE A 241 5.39 -4.47 -13.44
CA PHE A 241 5.97 -3.24 -13.94
C PHE A 241 6.92 -3.48 -15.11
N VAL A 242 7.42 -4.70 -15.28
CA VAL A 242 8.38 -5.03 -16.32
C VAL A 242 7.77 -5.96 -17.36
N PHE A 243 7.11 -7.04 -16.92
CA PHE A 243 6.39 -7.96 -17.78
C PHE A 243 4.93 -7.93 -17.33
N PRO A 244 4.15 -6.94 -17.76
CA PRO A 244 2.76 -6.81 -17.30
C PRO A 244 1.93 -8.02 -17.68
N ASN A 245 1.84 -8.29 -18.98
CA ASN A 245 1.22 -9.52 -19.44
C ASN A 245 2.26 -10.33 -20.18
N LEU A 246 2.72 -11.39 -19.52
CA LEU A 246 3.76 -12.28 -20.01
C LEU A 246 3.13 -13.67 -20.07
N PRO A 247 2.90 -14.22 -21.29
CA PRO A 247 2.10 -15.47 -21.39
C PRO A 247 2.65 -16.68 -20.62
N LEU A 248 2.58 -16.64 -19.28
CA LEU A 248 2.89 -17.78 -18.41
C LEU A 248 1.63 -18.22 -17.67
N GLU A 249 1.77 -19.01 -16.59
CA GLU A 249 0.62 -19.63 -15.93
C GLU A 249 0.09 -18.86 -14.72
N HIS A 250 0.96 -18.29 -13.87
CA HIS A 250 0.44 -17.47 -12.78
C HIS A 250 -0.23 -16.21 -13.31
N TYR A 251 0.04 -15.84 -14.56
CA TYR A 251 -0.72 -14.79 -15.24
C TYR A 251 -2.11 -15.25 -15.65
N ARG A 252 -2.36 -16.55 -15.75
CA ARG A 252 -3.66 -17.07 -16.19
C ARG A 252 -4.58 -17.32 -15.01
N LYS A 253 -4.08 -18.01 -13.97
CA LYS A 253 -4.84 -18.14 -12.74
C LYS A 253 -5.12 -16.77 -12.11
N ARG A 254 -4.22 -15.80 -12.33
CA ARG A 254 -4.52 -14.40 -12.04
C ARG A 254 -5.77 -13.94 -12.78
N ASP A 255 -5.73 -14.04 -14.12
CA ASP A 255 -6.84 -13.56 -14.94
C ASP A 255 -8.08 -14.44 -14.78
N HIS A 256 -7.89 -15.76 -14.68
CA HIS A 256 -8.99 -16.64 -14.31
C HIS A 256 -9.71 -16.11 -13.08
N ALA A 257 -8.95 -15.84 -12.02
CA ALA A 257 -9.51 -15.39 -10.74
C ALA A 257 -10.18 -14.03 -10.86
N GLN A 258 -9.63 -13.14 -11.68
CA GLN A 258 -10.25 -11.83 -11.86
C GLN A 258 -11.65 -11.98 -12.44
N LYS A 259 -11.73 -12.65 -13.60
CA LYS A 259 -13.02 -13.03 -14.20
C LYS A 259 -13.90 -13.76 -13.20
N ALA A 260 -13.34 -14.77 -12.51
CA ALA A 260 -14.12 -15.60 -11.59
C ALA A 260 -14.66 -14.78 -10.42
N ILE A 261 -13.79 -14.04 -9.72
CA ILE A 261 -14.22 -13.28 -8.55
C ILE A 261 -15.14 -12.12 -8.96
N SER A 262 -14.82 -11.42 -10.06
CA SER A 262 -15.74 -10.37 -10.48
C SER A 262 -17.09 -10.94 -10.88
N GLY A 263 -17.13 -12.22 -11.28
CA GLY A 263 -18.40 -12.84 -11.61
C GLY A 263 -19.28 -13.04 -10.39
N THR A 264 -18.68 -13.55 -9.31
CA THR A 264 -19.43 -13.76 -8.08
C THR A 264 -20.04 -12.46 -7.57
N TYR A 265 -19.32 -11.35 -7.75
CA TYR A 265 -19.82 -10.08 -7.28
C TYR A 265 -21.00 -9.59 -8.13
N MET A 266 -20.91 -9.75 -9.45
CA MET A 266 -22.01 -9.36 -10.33
C MET A 266 -23.22 -10.26 -10.12
N SER A 267 -22.99 -11.57 -10.01
CA SER A 267 -24.08 -12.50 -9.69
C SER A 267 -24.88 -11.99 -8.51
N LEU A 268 -24.19 -11.57 -7.45
CA LEU A 268 -24.87 -11.04 -6.27
C LEU A 268 -25.44 -9.66 -6.55
N ILE A 269 -24.68 -8.79 -7.25
CA ILE A 269 -25.19 -7.48 -7.64
C ILE A 269 -26.47 -7.62 -8.43
N LYS A 270 -26.51 -8.60 -9.35
CA LYS A 270 -27.65 -8.76 -10.25
C LYS A 270 -28.86 -9.34 -9.53
N GLU A 271 -28.65 -10.39 -8.75
CA GLU A 271 -29.77 -10.97 -8.01
C GLU A 271 -30.35 -9.98 -6.99
N ARG A 272 -29.55 -9.05 -6.50
CA ARG A 272 -30.08 -8.12 -5.49
C ARG A 272 -31.05 -7.12 -6.11
N ARG A 273 -30.74 -6.65 -7.33
CA ARG A 273 -31.64 -5.73 -8.03
C ARG A 273 -32.87 -6.44 -8.56
N LYS A 274 -32.68 -7.67 -9.05
CA LYS A 274 -33.79 -8.53 -9.43
C LYS A 274 -34.82 -8.66 -8.32
N ASN A 275 -34.36 -8.80 -7.06
CA ASN A 275 -35.25 -8.95 -5.90
C ASN A 275 -35.56 -7.62 -5.19
N ASN A 276 -35.10 -6.48 -5.72
CA ASN A 276 -34.94 -5.25 -4.94
C ASN A 276 -34.53 -5.56 -3.50
N ASP A 277 -33.47 -6.35 -3.36
CA ASP A 277 -32.90 -6.69 -2.06
C ASP A 277 -31.76 -5.72 -1.73
N ILE A 278 -32.03 -4.43 -1.92
CA ILE A 278 -31.01 -3.39 -1.86
C ILE A 278 -31.22 -2.60 -0.58
N GLN A 279 -30.39 -2.89 0.43
CA GLN A 279 -30.49 -2.23 1.73
C GLN A 279 -29.30 -1.30 1.95
N ASP A 280 -28.82 -1.25 3.20
CA ASP A 280 -27.65 -0.48 3.59
C ASP A 280 -26.60 -1.36 4.27
N ARG A 281 -26.57 -2.64 3.90
CA ARG A 281 -25.71 -3.59 4.60
C ARG A 281 -24.24 -3.33 4.28
N ASP A 282 -23.82 -3.62 3.06
CA ASP A 282 -22.42 -3.59 2.70
C ASP A 282 -22.15 -2.55 1.62
N LEU A 283 -20.88 -2.47 1.22
CA LEU A 283 -20.46 -1.62 0.12
C LEU A 283 -21.06 -2.09 -1.22
N ILE A 284 -21.51 -3.34 -1.32
CA ILE A 284 -22.19 -3.81 -2.53
C ILE A 284 -23.58 -3.18 -2.64
N ASP A 285 -24.34 -3.18 -1.54
CA ASP A 285 -25.57 -2.38 -1.50
C ASP A 285 -25.30 -0.92 -1.83
N SER A 286 -24.19 -0.38 -1.32
CA SER A 286 -23.90 1.04 -1.47
C SER A 286 -23.59 1.39 -2.93
N LEU A 287 -22.65 0.67 -3.54
CA LEU A 287 -22.26 0.99 -4.90
C LEU A 287 -23.41 0.79 -5.88
N MET A 288 -24.28 -0.18 -5.57
CA MET A 288 -25.52 -0.35 -6.34
C MET A 288 -26.35 0.93 -6.32
N LYS A 289 -26.69 1.41 -5.11
CA LYS A 289 -27.54 2.60 -4.99
C LYS A 289 -26.86 3.88 -5.49
N ASN A 290 -25.52 3.93 -5.54
CA ASN A 290 -24.89 5.23 -5.77
C ASN A 290 -23.56 5.05 -6.54
N SER A 291 -23.69 4.97 -7.89
CA SER A 291 -22.52 4.87 -8.76
C SER A 291 -22.74 5.57 -10.09
N THR A 292 -23.58 6.61 -10.13
CA THR A 292 -23.79 7.41 -11.33
C THR A 292 -22.85 8.61 -11.30
N TYR A 293 -22.04 8.76 -12.35
CA TYR A 293 -21.13 9.89 -12.46
C TYR A 293 -21.91 11.21 -12.57
N LYS A 294 -21.16 12.33 -12.59
CA LYS A 294 -21.79 13.65 -12.65
C LYS A 294 -22.29 13.99 -14.06
N ASP A 295 -21.76 13.32 -15.09
CA ASP A 295 -22.23 13.52 -16.45
C ASP A 295 -23.40 12.61 -16.83
N GLY A 296 -23.74 11.62 -16.00
CA GLY A 296 -24.95 10.84 -16.17
C GLY A 296 -24.76 9.36 -16.40
N VAL A 297 -23.52 8.87 -16.57
CA VAL A 297 -23.29 7.45 -16.81
C VAL A 297 -23.28 6.71 -15.48
N LYS A 298 -23.89 5.52 -15.45
CA LYS A 298 -23.78 4.64 -14.30
C LYS A 298 -22.63 3.66 -14.51
N MET A 299 -22.09 3.16 -13.41
CA MET A 299 -21.06 2.13 -13.52
C MET A 299 -21.71 0.82 -13.96
N THR A 300 -21.14 0.20 -15.00
CA THR A 300 -21.60 -1.13 -15.37
C THR A 300 -21.38 -2.09 -14.22
N ASP A 301 -22.26 -3.08 -14.10
CA ASP A 301 -22.12 -4.06 -13.03
C ASP A 301 -20.72 -4.63 -12.98
N GLN A 302 -20.04 -4.73 -14.13
CA GLN A 302 -18.66 -5.21 -14.11
C GLN A 302 -17.71 -4.15 -13.55
N GLU A 303 -17.93 -2.88 -13.88
CA GLU A 303 -17.14 -1.81 -13.29
C GLU A 303 -17.34 -1.75 -11.78
N ILE A 304 -18.56 -2.00 -11.29
CA ILE A 304 -18.80 -2.04 -9.86
C ILE A 304 -18.03 -3.18 -9.22
N ALA A 305 -18.03 -4.36 -9.86
CA ALA A 305 -17.30 -5.50 -9.33
C ALA A 305 -15.80 -5.27 -9.35
N ASN A 306 -15.29 -4.52 -10.32
CA ASN A 306 -13.85 -4.34 -10.38
C ASN A 306 -13.37 -3.31 -9.38
N LEU A 307 -14.16 -2.25 -9.14
CA LEU A 307 -13.88 -1.36 -8.03
C LEU A 307 -13.89 -2.14 -6.71
N LEU A 308 -14.83 -3.09 -6.56
CA LEU A 308 -14.85 -3.96 -5.37
C LEU A 308 -13.53 -4.71 -5.23
N ILE A 309 -13.05 -5.30 -6.33
CA ILE A 309 -11.81 -6.04 -6.26
C ILE A 309 -10.68 -5.11 -5.87
N GLY A 310 -10.59 -3.95 -6.52
CA GLY A 310 -9.44 -3.08 -6.30
C GLY A 310 -9.41 -2.52 -4.89
N VAL A 311 -10.57 -2.08 -4.40
CA VAL A 311 -10.66 -1.56 -3.05
C VAL A 311 -10.28 -2.65 -2.04
N LEU A 312 -11.05 -3.75 -2.01
CA LEU A 312 -10.74 -4.87 -1.12
C LEU A 312 -9.30 -5.34 -1.23
N MET A 313 -8.75 -5.35 -2.43
CA MET A 313 -7.39 -5.89 -2.60
C MET A 313 -6.35 -4.97 -1.98
N GLY A 314 -6.48 -3.66 -2.23
CA GLY A 314 -5.49 -2.73 -1.73
C GLY A 314 -5.55 -2.59 -0.22
N GLY A 315 -6.76 -2.44 0.32
CA GLY A 315 -6.90 -2.39 1.76
C GLY A 315 -6.51 -3.69 2.45
N GLN A 316 -6.71 -4.82 1.77
CA GLN A 316 -6.21 -6.10 2.27
C GLN A 316 -4.72 -6.02 2.60
N HIS A 317 -3.89 -5.62 1.64
CA HIS A 317 -2.46 -5.79 1.79
C HIS A 317 -1.83 -4.80 2.77
N THR A 318 -2.37 -3.58 2.87
CA THR A 318 -1.85 -2.59 3.81
C THR A 318 -2.28 -2.92 5.23
N SER A 319 -3.56 -3.24 5.40
CA SER A 319 -4.09 -3.54 6.73
C SER A 319 -3.43 -4.78 7.29
N ALA A 320 -3.28 -5.82 6.46
CA ALA A 320 -2.66 -7.05 6.92
C ALA A 320 -1.20 -6.83 7.28
N ALA A 321 -0.49 -6.01 6.50
CA ALA A 321 0.89 -5.75 6.85
C ALA A 321 0.97 -5.02 8.17
N THR A 322 0.02 -4.12 8.43
CA THR A 322 0.13 -3.26 9.60
C THR A 322 -0.14 -4.02 10.88
N SER A 323 -1.20 -4.86 10.91
CA SER A 323 -1.44 -5.63 12.13
C SER A 323 -0.33 -6.66 12.37
N ALA A 324 0.30 -7.14 11.31
CA ALA A 324 1.51 -7.94 11.47
C ALA A 324 2.58 -7.17 12.23
N TRP A 325 2.81 -5.92 11.83
CA TRP A 325 3.84 -5.11 12.48
C TRP A 325 3.43 -4.73 13.90
N ILE A 326 2.15 -4.47 14.14
CA ILE A 326 1.70 -4.17 15.50
C ILE A 326 2.02 -5.33 16.43
N LEU A 327 1.74 -6.56 15.98
CA LEU A 327 2.04 -7.75 16.77
C LEU A 327 3.55 -7.90 16.97
N LEU A 328 4.31 -7.86 15.89
CA LEU A 328 5.76 -8.05 16.04
C LEU A 328 6.38 -6.99 16.95
N HIS A 329 5.93 -5.73 16.87
CA HIS A 329 6.51 -4.72 17.74
C HIS A 329 6.08 -4.92 19.20
N LEU A 330 4.82 -5.33 19.41
CA LEU A 330 4.31 -5.56 20.75
C LEU A 330 4.83 -6.86 21.35
N ALA A 331 5.05 -7.90 20.54
CA ALA A 331 5.64 -9.14 21.02
C ALA A 331 6.90 -8.90 21.85
N GLU A 332 7.58 -7.79 21.61
CA GLU A 332 8.85 -7.41 22.21
C GLU A 332 8.69 -6.43 23.35
N ARG A 333 7.46 -6.08 23.69
CA ARG A 333 7.17 -4.94 24.56
C ARG A 333 5.99 -5.29 25.45
N PRO A 334 6.22 -6.13 26.46
CA PRO A 334 5.14 -6.46 27.39
C PRO A 334 4.63 -5.24 28.14
N ASP A 335 5.47 -4.22 28.28
CA ASP A 335 5.05 -3.00 28.99
C ASP A 335 3.98 -2.25 28.24
N VAL A 336 4.08 -2.19 26.90
CA VAL A 336 3.04 -1.60 26.06
C VAL A 336 1.78 -2.47 26.06
N GLN A 337 1.93 -3.80 26.09
CA GLN A 337 0.75 -4.68 26.17
C GLN A 337 0.01 -4.48 27.50
N GLN A 338 0.77 -4.39 28.60
CA GLN A 338 0.19 -4.07 29.90
C GLN A 338 -0.64 -2.78 29.85
N GLU A 339 -0.02 -1.72 29.32
CA GLU A 339 -0.64 -0.41 29.13
C GLU A 339 -1.91 -0.50 28.28
N LEU A 340 -1.81 -1.12 27.10
CA LEU A 340 -2.96 -1.27 26.22
C LEU A 340 -4.09 -2.06 26.88
N TYR A 341 -3.74 -3.02 27.75
CA TYR A 341 -4.74 -3.81 28.46
C TYR A 341 -5.45 -2.99 29.52
N GLU A 342 -4.73 -2.13 30.26
CA GLU A 342 -5.39 -1.28 31.25
C GLU A 342 -6.44 -0.40 30.58
N GLU A 343 -6.08 0.17 29.42
CA GLU A 343 -7.02 1.01 28.69
C GLU A 343 -8.21 0.20 28.23
N GLN A 344 -7.99 -1.07 27.89
CA GLN A 344 -9.10 -1.95 27.56
C GLN A 344 -10.02 -2.12 28.76
N MET A 345 -9.44 -2.39 29.95
CA MET A 345 -10.26 -2.55 31.15
C MET A 345 -10.94 -1.25 31.58
N ARG A 346 -10.26 -0.11 31.44
CA ARG A 346 -10.87 1.15 31.87
C ARG A 346 -11.99 1.57 30.93
N VAL A 347 -11.71 1.63 29.61
CA VAL A 347 -12.71 2.05 28.64
C VAL A 347 -13.86 1.07 28.53
N LEU A 348 -13.60 -0.23 28.67
CA LEU A 348 -14.66 -1.20 28.46
C LEU A 348 -15.23 -1.76 29.76
N ASP A 349 -15.00 -1.07 30.89
CA ASP A 349 -15.58 -1.45 32.18
C ASP A 349 -15.32 -2.92 32.51
N GLY A 350 -14.04 -3.30 32.45
CA GLY A 350 -13.58 -4.63 32.79
C GLY A 350 -14.07 -5.73 31.88
N GLY A 351 -14.53 -5.39 30.68
CA GLY A 351 -15.10 -6.35 29.77
C GLY A 351 -16.62 -6.37 29.77
N LYS A 352 -17.25 -5.66 30.70
CA LYS A 352 -18.70 -5.62 30.83
C LYS A 352 -19.33 -4.48 30.02
N LYS A 353 -18.68 -4.04 28.93
CA LYS A 353 -19.25 -3.11 27.96
C LYS A 353 -18.88 -3.62 26.58
N GLU A 354 -19.87 -3.74 25.69
CA GLU A 354 -19.59 -4.24 24.35
C GLU A 354 -18.85 -3.18 23.55
N LEU A 355 -17.93 -3.63 22.69
CA LEU A 355 -17.10 -2.72 21.92
C LEU A 355 -17.89 -2.09 20.77
N THR A 356 -17.77 -0.77 20.64
CA THR A 356 -18.53 0.03 19.70
C THR A 356 -17.56 0.93 18.95
N TYR A 357 -17.97 1.45 17.79
CA TYR A 357 -17.12 2.45 17.13
C TYR A 357 -16.89 3.65 18.03
N ASP A 358 -17.88 4.00 18.86
CA ASP A 358 -17.72 5.11 19.77
C ASP A 358 -16.65 4.81 20.80
N LEU A 359 -16.75 3.63 21.44
CA LEU A 359 -15.80 3.26 22.48
C LEU A 359 -14.37 3.15 21.93
N LEU A 360 -14.21 2.79 20.65
CA LEU A 360 -12.90 2.78 20.02
C LEU A 360 -12.25 4.15 20.04
N GLN A 361 -13.06 5.20 19.88
CA GLN A 361 -12.52 6.55 19.81
C GLN A 361 -11.95 7.01 21.15
N GLU A 362 -12.38 6.39 22.25
CA GLU A 362 -11.89 6.67 23.58
C GLU A 362 -10.67 5.85 23.96
N MET A 363 -10.06 5.16 23.01
CA MET A 363 -8.92 4.32 23.32
C MET A 363 -7.69 4.94 22.68
N PRO A 364 -7.15 6.02 23.24
CA PRO A 364 -6.07 6.72 22.55
C PRO A 364 -4.78 5.92 22.46
N LEU A 365 -4.48 5.10 23.47
CA LEU A 365 -3.21 4.37 23.44
C LEU A 365 -3.21 3.29 22.36
N LEU A 366 -4.35 2.62 22.20
CA LEU A 366 -4.52 1.69 21.08
C LEU A 366 -4.37 2.41 19.74
N ASN A 367 -5.13 3.50 19.56
CA ASN A 367 -4.99 4.29 18.34
C ASN A 367 -3.61 4.89 18.19
N GLN A 368 -2.92 5.15 19.29
CA GLN A 368 -1.54 5.62 19.20
C GLN A 368 -0.59 4.51 18.75
N THR A 369 -0.96 3.25 19.01
CA THR A 369 -0.09 2.15 18.61
C THR A 369 -0.18 1.91 17.12
N ILE A 370 -1.40 1.88 16.58
CA ILE A 370 -1.60 1.88 15.12
C ILE A 370 -0.82 3.04 14.49
N LYS A 371 -1.04 4.26 15.02
CA LYS A 371 -0.38 5.46 14.52
C LYS A 371 1.14 5.32 14.47
N GLU A 372 1.75 4.82 15.56
CA GLU A 372 3.20 4.73 15.65
C GLU A 372 3.75 3.64 14.72
N THR A 373 3.06 2.48 14.65
CA THR A 373 3.45 1.41 13.73
C THR A 373 3.43 1.89 12.29
N LEU A 374 2.33 2.54 11.90
CA LEU A 374 2.27 3.17 10.59
C LEU A 374 3.34 4.23 10.40
N ARG A 375 3.88 4.84 11.47
CA ARG A 375 5.03 5.73 11.29
C ARG A 375 6.28 4.95 10.94
N MET A 376 6.55 3.87 11.67
CA MET A 376 7.77 3.12 11.47
C MET A 376 7.68 2.17 10.29
N HIS A 377 6.47 1.83 9.86
CA HIS A 377 6.27 0.79 8.83
C HIS A 377 5.19 1.28 7.87
N HIS A 378 5.53 2.30 7.13
CA HIS A 378 4.66 2.77 6.06
C HIS A 378 4.58 1.66 5.01
N PRO A 379 3.37 1.27 4.57
CA PRO A 379 3.25 0.11 3.69
C PRO A 379 3.69 0.40 2.28
N LEU A 380 3.75 1.66 1.89
CA LEU A 380 4.13 2.07 0.55
C LEU A 380 5.37 2.95 0.71
N HIS A 381 6.55 2.35 0.63
CA HIS A 381 7.76 3.16 0.75
C HIS A 381 7.88 4.19 -0.37
N SER A 382 7.23 4.01 -1.50
CA SER A 382 7.45 4.94 -2.61
C SER A 382 6.17 5.11 -3.41
N LEU A 383 5.80 6.35 -3.69
CA LEU A 383 4.69 6.62 -4.59
C LEU A 383 5.22 7.33 -5.83
N PHE A 384 4.61 7.05 -6.97
CA PHE A 384 5.10 7.49 -8.28
C PHE A 384 4.06 8.34 -9.00
N ARG A 385 4.56 9.16 -9.92
CA ARG A 385 3.75 9.84 -10.93
C ARG A 385 4.58 9.92 -12.19
N LYS A 386 3.95 9.74 -13.36
CA LYS A 386 4.59 10.10 -14.61
C LYS A 386 4.46 11.60 -14.81
N VAL A 387 5.55 12.24 -15.23
CA VAL A 387 5.55 13.67 -15.49
C VAL A 387 4.99 13.89 -16.89
N MET A 388 3.91 14.67 -16.97
CA MET A 388 3.29 14.96 -18.26
C MET A 388 3.85 16.22 -18.93
N LYS A 389 4.16 17.26 -18.16
CA LYS A 389 4.70 18.51 -18.68
C LYS A 389 6.01 18.83 -17.98
N ASP A 390 6.92 19.52 -18.67
CA ASP A 390 8.13 19.99 -18.00
C ASP A 390 7.77 20.70 -16.71
N MET A 391 8.42 20.29 -15.63
CA MET A 391 8.11 20.76 -14.29
C MET A 391 9.30 21.53 -13.74
N HIS A 392 9.03 22.70 -13.17
CA HIS A 392 10.07 23.44 -12.49
C HIS A 392 9.89 23.30 -10.97
N VAL A 393 10.98 22.92 -10.31
CA VAL A 393 11.03 22.84 -8.86
C VAL A 393 11.54 24.18 -8.32
N PRO A 394 10.75 24.89 -7.49
CA PRO A 394 11.14 26.24 -7.07
C PRO A 394 12.38 26.25 -6.18
N ASN A 395 12.87 27.46 -5.91
CA ASN A 395 14.14 27.69 -5.22
C ASN A 395 15.27 26.93 -5.90
N THR A 396 15.21 26.85 -7.21
CA THR A 396 16.04 25.86 -7.89
C THR A 396 16.03 26.15 -9.39
N SER A 397 17.15 25.85 -10.04
CA SER A 397 17.27 25.97 -11.48
C SER A 397 16.93 24.68 -12.22
N TYR A 398 16.31 23.71 -11.54
CA TYR A 398 16.02 22.39 -12.11
C TYR A 398 14.69 22.39 -12.85
N VAL A 399 14.66 21.60 -13.92
CA VAL A 399 13.43 21.26 -14.62
C VAL A 399 13.34 19.74 -14.74
N ILE A 400 12.20 19.18 -14.37
CA ILE A 400 11.94 17.74 -14.55
C ILE A 400 11.23 17.56 -15.88
N PRO A 401 11.92 17.12 -16.94
CA PRO A 401 11.30 17.06 -18.26
C PRO A 401 10.20 16.01 -18.30
N ALA A 402 9.18 16.28 -19.10
CA ALA A 402 8.12 15.30 -19.27
C ALA A 402 8.72 13.96 -19.70
N GLY A 403 8.07 12.88 -19.28
CA GLY A 403 8.57 11.53 -19.51
C GLY A 403 9.41 10.99 -18.38
N TYR A 404 9.91 11.85 -17.50
CA TYR A 404 10.48 11.43 -16.22
C TYR A 404 9.36 11.01 -15.27
N HIS A 405 9.76 10.50 -14.11
CA HIS A 405 8.82 10.20 -13.05
C HIS A 405 9.27 10.90 -11.76
N VAL A 406 8.30 11.31 -10.98
CA VAL A 406 8.58 11.81 -9.64
C VAL A 406 8.21 10.73 -8.64
N LEU A 407 8.97 10.66 -7.55
CA LEU A 407 8.82 9.65 -6.51
C LEU A 407 8.80 10.34 -5.16
N VAL A 408 7.67 10.31 -4.49
CA VAL A 408 7.55 10.78 -3.12
C VAL A 408 7.64 9.58 -2.18
N SER A 409 8.30 9.77 -1.02
CA SER A 409 8.51 8.69 -0.05
C SER A 409 8.39 9.19 1.39
N PRO A 410 7.17 9.50 1.85
CA PRO A 410 7.02 9.98 3.24
C PRO A 410 7.50 8.98 4.29
N GLY A 411 7.33 7.67 4.06
CA GLY A 411 7.87 6.68 4.98
C GLY A 411 9.35 6.85 5.28
N TYR A 412 10.12 7.37 4.33
CA TYR A 412 11.51 7.65 4.64
C TYR A 412 11.62 8.80 5.64
N THR A 413 10.87 9.89 5.40
CA THR A 413 10.82 11.02 6.34
C THR A 413 10.37 10.56 7.71
N HIS A 414 9.42 9.60 7.74
CA HIS A 414 8.95 9.01 8.98
C HIS A 414 10.07 8.50 9.86
N LEU A 415 11.14 8.02 9.25
CA LEU A 415 12.20 7.37 9.98
C LEU A 415 13.38 8.30 10.24
N ARG A 416 13.16 9.61 10.11
CA ARG A 416 14.21 10.63 10.26
C ARG A 416 14.12 11.27 11.63
N ASP A 417 15.25 11.35 12.33
CA ASP A 417 15.26 12.02 13.62
C ASP A 417 14.98 13.50 13.47
N GLU A 418 15.33 14.08 12.32
CA GLU A 418 15.02 15.48 12.05
C GLU A 418 13.58 15.79 12.39
N TYR A 419 12.66 14.91 11.98
CA TYR A 419 11.24 15.13 12.22
C TYR A 419 10.65 14.21 13.30
N PHE A 420 11.33 13.12 13.67
CA PHE A 420 10.84 12.23 14.71
C PHE A 420 12.00 11.82 15.60
N PRO A 421 12.15 12.45 16.76
CA PRO A 421 13.26 12.15 17.66
C PRO A 421 13.35 10.66 18.00
N ASN A 422 14.53 10.08 17.79
CA ASN A 422 14.76 8.64 17.96
C ASN A 422 13.75 7.86 17.12
N ALA A 423 13.82 8.11 15.81
CA ALA A 423 12.78 7.64 14.90
C ALA A 423 12.74 6.13 14.83
N HIS A 424 13.83 5.49 15.21
CA HIS A 424 13.98 4.06 15.11
C HIS A 424 13.49 3.32 16.34
N GLN A 425 13.10 4.05 17.37
CA GLN A 425 12.51 3.49 18.58
C GLN A 425 10.99 3.53 18.48
N PHE A 426 10.37 2.35 18.60
CA PHE A 426 8.92 2.26 18.70
C PHE A 426 8.47 2.89 20.01
N ASN A 427 7.74 4.00 19.93
CA ASN A 427 7.31 4.76 21.11
C ASN A 427 5.93 5.36 20.81
N ILE A 428 4.88 4.73 21.35
CA ILE A 428 3.52 5.19 21.11
C ILE A 428 3.22 6.48 21.85
N HIS A 429 4.05 6.83 22.85
CA HIS A 429 3.83 8.02 23.64
C HIS A 429 4.33 9.27 22.95
N ARG A 430 5.11 9.11 21.88
CA ARG A 430 5.43 10.24 21.05
C ARG A 430 4.20 10.89 20.46
N TRP A 431 3.03 10.28 20.64
CA TRP A 431 1.77 10.81 20.10
C TRP A 431 0.80 11.22 21.19
N ASN A 432 1.29 11.66 22.35
CA ASN A 432 0.37 11.99 23.41
C ASN A 432 -0.44 13.22 23.03
N ASN A 433 -1.75 13.15 23.26
CA ASN A 433 -2.68 14.24 22.93
C ASN A 433 -2.72 14.44 21.41
N ASP A 434 -2.78 13.32 20.68
CA ASP A 434 -2.59 13.29 19.24
C ASP A 434 -2.74 11.88 18.70
N SER A 435 -3.85 11.20 19.02
CA SER A 435 -4.12 9.85 18.56
C SER A 435 -4.91 9.81 17.23
N ALA A 436 -4.97 10.94 16.52
CA ALA A 436 -5.81 11.05 15.32
C ALA A 436 -5.24 10.25 14.16
N SER A 437 -6.10 9.47 13.49
CA SER A 437 -5.71 8.78 12.25
C SER A 437 -4.81 9.69 11.39
N SER A 438 -5.19 10.96 11.27
CA SER A 438 -4.41 12.09 10.79
C SER A 438 -5.24 13.34 11.09
N TYR A 439 -4.65 14.52 10.85
CA TYR A 439 -5.23 15.78 11.30
C TYR A 439 -5.05 16.87 10.24
N SER A 440 -6.17 17.36 9.69
CA SER A 440 -6.14 18.48 8.73
C SER A 440 -5.75 19.75 9.48
N VAL A 441 -4.47 20.12 9.39
CA VAL A 441 -3.90 21.17 10.25
C VAL A 441 -4.28 22.57 9.80
N GLY A 442 -5.14 22.70 8.79
CA GLY A 442 -5.63 24.02 8.44
C GLY A 442 -6.75 24.00 7.42
N GLU A 443 -6.51 24.73 6.33
CA GLU A 443 -7.47 24.93 5.25
C GLU A 443 -7.63 23.66 4.42
N GLU A 444 -8.81 23.49 3.81
CA GLU A 444 -9.20 22.26 3.13
C GLU A 444 -9.55 22.50 1.64
N VAL A 445 -9.67 21.38 0.91
CA VAL A 445 -9.90 21.36 -0.53
C VAL A 445 -10.70 20.10 -0.85
N ASP A 446 -11.42 20.13 -1.97
CA ASP A 446 -12.20 18.98 -2.42
C ASP A 446 -11.87 18.70 -3.88
N TYR A 447 -11.47 17.46 -4.17
CA TYR A 447 -11.18 17.05 -5.55
C TYR A 447 -12.27 16.17 -6.13
N GLY A 448 -13.41 16.06 -5.44
CA GLY A 448 -14.46 15.16 -5.86
C GLY A 448 -14.97 14.19 -4.81
N PHE A 449 -14.17 13.88 -3.78
CA PHE A 449 -14.59 12.88 -2.81
C PHE A 449 -14.73 13.44 -1.40
N GLY A 450 -14.73 14.75 -1.24
CA GLY A 450 -14.92 15.36 0.05
C GLY A 450 -13.78 16.28 0.44
N ALA A 451 -14.01 17.03 1.51
CA ALA A 451 -13.03 17.99 1.98
C ALA A 451 -11.86 17.26 2.64
N ILE A 452 -10.66 17.52 2.12
CA ILE A 452 -9.43 16.98 2.69
C ILE A 452 -8.43 18.12 2.75
N SER A 453 -7.36 17.93 3.53
CA SER A 453 -6.43 19.02 3.81
C SER A 453 -5.82 19.58 2.53
N LYS A 454 -5.72 20.93 2.46
CA LYS A 454 -5.14 21.56 1.29
C LYS A 454 -3.63 21.44 1.27
N GLY A 455 -2.98 21.64 2.41
CA GLY A 455 -1.56 21.47 2.48
C GLY A 455 -1.19 20.01 2.63
N VAL A 456 0.00 19.66 2.13
CA VAL A 456 0.49 18.29 2.23
C VAL A 456 1.94 18.37 2.71
N SER A 457 2.17 19.15 3.75
CA SER A 457 3.52 19.47 4.19
C SER A 457 3.89 18.78 5.49
N SER A 458 2.97 18.02 6.06
CA SER A 458 3.25 17.27 7.27
C SER A 458 4.34 16.24 6.99
N PRO A 459 5.31 16.07 7.90
CA PRO A 459 6.32 15.02 7.73
C PRO A 459 5.79 13.62 8.00
N TYR A 460 4.62 13.49 8.63
CA TYR A 460 3.94 12.21 8.86
C TYR A 460 2.76 12.15 7.89
N LEU A 461 2.90 11.37 6.81
CA LEU A 461 1.86 11.29 5.78
C LEU A 461 1.49 9.85 5.44
N PRO A 462 1.12 9.04 6.43
CA PRO A 462 0.94 7.60 6.13
C PRO A 462 -0.12 7.35 5.04
N PHE A 463 -1.15 8.17 4.96
CA PHE A 463 -2.22 7.99 3.99
C PHE A 463 -2.12 8.95 2.79
N GLY A 464 -0.93 9.48 2.52
CA GLY A 464 -0.59 10.47 1.52
C GLY A 464 -1.39 11.76 1.64
N GLY A 465 -1.51 12.46 0.52
CA GLY A 465 -2.37 13.62 0.48
C GLY A 465 -2.59 14.05 -0.95
N GLY A 466 -3.49 14.99 -1.12
CA GLY A 466 -3.83 15.42 -2.45
C GLY A 466 -4.92 14.56 -3.08
N ARG A 467 -4.96 14.61 -4.40
CA ARG A 467 -6.10 14.02 -5.09
C ARG A 467 -6.10 12.51 -4.94
N HIS A 468 -4.90 11.91 -4.90
CA HIS A 468 -4.74 10.47 -4.78
C HIS A 468 -4.75 10.01 -3.35
N ARG A 469 -5.31 10.81 -2.45
CA ARG A 469 -5.26 10.50 -1.04
C ARG A 469 -6.14 9.30 -0.72
N CYS A 470 -5.73 8.53 0.29
CA CYS A 470 -6.42 7.31 0.68
C CYS A 470 -7.81 7.62 1.22
N THR A 471 -8.82 6.92 0.70
CA THR A 471 -10.17 7.05 1.23
C THR A 471 -10.52 5.91 2.20
N GLY A 472 -9.56 5.05 2.53
CA GLY A 472 -9.77 4.00 3.50
C GLY A 472 -9.12 4.19 4.85
N GLU A 473 -8.66 5.39 5.18
CA GLU A 473 -8.00 5.64 6.45
C GLU A 473 -8.89 5.23 7.63
N HIS A 474 -10.15 5.66 7.63
CA HIS A 474 -10.96 5.44 8.81
C HIS A 474 -11.39 4.00 8.93
N PHE A 475 -11.61 3.35 7.78
CA PHE A 475 -11.86 1.91 7.81
C PHE A 475 -10.66 1.16 8.35
N ALA A 476 -9.46 1.46 7.84
CA ALA A 476 -8.26 0.81 8.34
C ALA A 476 -8.17 0.86 9.87
N TYR A 477 -8.32 2.08 10.44
CA TYR A 477 -8.29 2.25 11.89
C TYR A 477 -9.41 1.49 12.57
N CYS A 478 -10.58 1.39 11.93
CA CYS A 478 -11.66 0.60 12.53
C CYS A 478 -11.26 -0.87 12.65
N GLN A 479 -11.03 -1.52 11.49
CA GLN A 479 -10.54 -2.90 11.41
C GLN A 479 -9.42 -3.15 12.42
N LEU A 480 -8.33 -2.37 12.28
CA LEU A 480 -7.18 -2.52 13.15
C LEU A 480 -7.53 -2.27 14.61
N GLY A 481 -8.42 -1.33 14.87
CA GLY A 481 -8.91 -1.09 16.23
C GLY A 481 -9.58 -2.29 16.88
N VAL A 482 -10.60 -2.85 16.23
CA VAL A 482 -11.28 -4.01 16.80
C VAL A 482 -10.32 -5.19 16.92
N LEU A 483 -9.57 -5.46 15.84
CA LEU A 483 -8.65 -6.58 15.83
C LEU A 483 -7.68 -6.51 16.99
N MET A 484 -7.10 -5.32 17.21
CA MET A 484 -6.12 -5.15 18.27
C MET A 484 -6.75 -5.00 19.65
N SER A 485 -7.94 -4.38 19.76
CA SER A 485 -8.62 -4.41 21.04
C SER A 485 -8.85 -5.84 21.51
N ILE A 486 -9.20 -6.75 20.59
CA ILE A 486 -9.57 -8.13 20.93
C ILE A 486 -8.33 -8.98 21.15
N PHE A 487 -7.31 -8.80 20.30
CA PHE A 487 -6.04 -9.44 20.60
C PHE A 487 -5.59 -9.11 22.01
N ILE A 488 -5.58 -7.80 22.33
CA ILE A 488 -5.07 -7.31 23.62
C ILE A 488 -5.84 -7.95 24.77
N ARG A 489 -7.17 -7.94 24.70
CA ARG A 489 -7.97 -8.43 25.82
C ARG A 489 -7.94 -9.95 25.97
N THR A 490 -7.55 -10.69 24.93
CA THR A 490 -7.58 -12.15 24.87
C THR A 490 -6.21 -12.80 25.06
N LEU A 491 -5.15 -12.25 24.46
CA LEU A 491 -3.85 -12.89 24.44
C LEU A 491 -2.76 -11.97 24.96
N LYS A 492 -1.75 -12.57 25.58
CA LYS A 492 -0.41 -12.03 25.71
C LYS A 492 0.48 -12.74 24.70
N TRP A 493 1.40 -12.02 24.07
CA TRP A 493 2.28 -12.67 23.10
C TRP A 493 3.69 -12.14 23.22
N HIS A 494 4.65 -13.00 22.91
CA HIS A 494 6.08 -12.72 22.98
C HIS A 494 6.78 -13.48 21.87
N TYR A 495 8.07 -13.15 21.68
CA TYR A 495 8.91 -13.76 20.66
C TYR A 495 9.52 -15.09 21.14
N PRO A 496 9.85 -15.98 20.21
CA PRO A 496 10.63 -17.16 20.60
C PRO A 496 12.06 -16.75 20.90
N GLU A 497 12.74 -17.55 21.73
CA GLU A 497 14.07 -17.20 22.21
C GLU A 497 15.02 -16.85 21.07
N GLY A 498 15.70 -15.71 21.21
CA GLY A 498 16.58 -15.18 20.18
C GLY A 498 15.95 -14.28 19.14
N LYS A 499 14.62 -14.32 18.97
CA LYS A 499 13.91 -13.61 17.90
C LYS A 499 13.55 -12.18 18.29
N THR A 500 13.54 -11.29 17.29
CA THR A 500 13.08 -9.90 17.48
C THR A 500 12.28 -9.46 16.24
N VAL A 501 12.02 -8.16 16.15
CA VAL A 501 11.32 -7.57 15.01
C VAL A 501 12.07 -7.94 13.74
N PRO A 502 11.39 -8.49 12.74
CA PRO A 502 12.04 -8.74 11.46
C PRO A 502 12.29 -7.43 10.71
N PRO A 503 13.28 -7.42 9.83
CA PRO A 503 13.46 -6.28 8.93
C PRO A 503 12.42 -6.30 7.83
N PRO A 504 12.04 -5.13 7.28
CA PRO A 504 10.99 -5.11 6.26
C PRO A 504 11.46 -5.75 4.97
N ASP A 505 10.51 -6.37 4.27
CA ASP A 505 10.74 -6.92 2.92
C ASP A 505 10.19 -5.91 1.91
N PHE A 506 11.07 -4.99 1.46
CA PHE A 506 10.63 -3.94 0.55
C PHE A 506 10.32 -4.45 -0.85
N THR A 507 10.84 -5.61 -1.23
CA THR A 507 10.70 -6.10 -2.60
C THR A 507 9.26 -6.45 -2.96
N SER A 508 8.38 -6.68 -1.99
CA SER A 508 7.00 -7.00 -2.35
C SER A 508 6.22 -5.73 -2.68
N MET A 509 4.90 -5.81 -2.71
CA MET A 509 4.10 -4.62 -3.00
C MET A 509 4.01 -3.67 -1.80
N VAL A 510 3.98 -4.22 -0.57
CA VAL A 510 3.98 -3.43 0.65
C VAL A 510 5.18 -3.86 1.49
N THR A 511 5.75 -2.92 2.24
CA THR A 511 6.79 -3.32 3.16
C THR A 511 6.12 -4.15 4.24
N LEU A 512 6.17 -5.46 4.08
CA LEU A 512 5.75 -6.37 5.12
C LEU A 512 6.97 -7.00 5.76
N PRO A 513 6.80 -7.65 6.91
CA PRO A 513 7.96 -8.23 7.60
C PRO A 513 8.55 -9.39 6.83
N THR A 514 9.87 -9.48 6.89
CA THR A 514 10.58 -10.65 6.41
C THR A 514 10.17 -11.89 7.20
N GLY A 515 9.53 -12.84 6.53
CA GLY A 515 9.07 -14.05 7.15
C GLY A 515 10.15 -15.11 7.24
N PRO A 516 9.87 -16.17 8.02
CA PRO A 516 8.66 -16.19 8.85
C PRO A 516 8.87 -15.39 10.14
N ALA A 517 7.80 -14.75 10.56
CA ALA A 517 7.82 -13.87 11.71
C ALA A 517 6.84 -14.50 12.68
N LYS A 518 7.38 -15.23 13.66
CA LYS A 518 6.57 -16.03 14.57
C LYS A 518 6.50 -15.34 15.92
N ILE A 519 5.34 -15.45 16.57
CA ILE A 519 5.11 -15.06 17.95
C ILE A 519 4.42 -16.22 18.67
N ILE A 520 4.82 -16.46 19.92
CA ILE A 520 4.09 -17.34 20.81
C ILE A 520 2.99 -16.55 21.52
N TRP A 521 1.77 -17.05 21.48
CA TRP A 521 0.66 -16.44 22.20
C TRP A 521 0.27 -17.29 23.41
N GLU A 522 -0.26 -16.64 24.45
CA GLU A 522 -0.82 -17.29 25.62
C GLU A 522 -2.17 -16.70 25.95
N LYS A 523 -3.14 -17.54 26.33
CA LYS A 523 -4.43 -17.00 26.73
C LYS A 523 -4.30 -16.27 28.06
N ARG A 524 -4.91 -15.08 28.14
CA ARG A 524 -4.99 -14.37 29.41
C ARG A 524 -5.92 -15.09 30.37
N ASN A 525 -6.91 -15.80 29.84
CA ASN A 525 -7.91 -16.49 30.63
C ASN A 525 -8.03 -17.89 30.02
N PRO A 526 -7.18 -18.84 30.44
CA PRO A 526 -7.18 -20.18 29.84
C PRO A 526 -8.53 -20.87 29.81
N GLU A 527 -9.37 -20.64 30.81
CA GLU A 527 -10.64 -21.34 30.94
C GLU A 527 -11.77 -20.65 30.19
N GLN A 528 -11.46 -19.61 29.41
CA GLN A 528 -12.50 -18.92 28.68
C GLN A 528 -12.79 -19.62 27.34
N LYS A 529 -14.05 -19.59 26.94
CA LYS A 529 -14.54 -20.29 25.78
C LYS A 529 -15.29 -19.31 24.90
N ILE A 530 -15.19 -19.50 23.58
CA ILE A 530 -15.87 -18.65 22.61
C ILE A 530 -17.12 -19.39 22.14
N GLY A 531 -18.28 -18.74 22.24
CA GLY A 531 -19.56 -19.43 22.12
C GLY A 531 -20.17 -19.60 20.75
CHA HEM B . -4.60 5.63 -1.71
CHB HEM B . -2.16 4.29 2.37
CHC HEM B . -5.87 1.29 3.42
CHD HEM B . -8.27 2.73 -0.47
C1A HEM B . -3.65 5.52 -0.72
C2A HEM B . -2.40 6.25 -0.69
C3A HEM B . -1.73 5.88 0.42
C4A HEM B . -2.52 4.91 1.17
CMA HEM B . -0.34 6.41 0.84
CAA HEM B . -1.93 7.25 -1.76
CBA HEM B . -1.48 6.53 -3.02
CGA HEM B . -0.58 7.47 -3.78
O1A HEM B . 0.02 7.12 -4.82
O2A HEM B . -0.48 8.63 -3.30
C1B HEM B . -2.97 3.38 3.05
C2B HEM B . -2.75 2.74 4.35
C3B HEM B . -3.81 1.91 4.57
C4B HEM B . -4.71 2.02 3.47
CMB HEM B . -1.51 2.96 5.26
CAB HEM B . -4.21 0.94 5.72
CBB HEM B . -3.46 0.67 6.79
C1C HEM B . -6.87 1.44 2.49
C2C HEM B . -8.15 0.79 2.55
C3C HEM B . -8.82 1.19 1.45
C4C HEM B . -7.97 2.09 0.69
CMC HEM B . -8.56 -0.15 3.70
CAC HEM B . -10.26 0.83 1.01
CBC HEM B . -11.23 0.60 1.91
C1D HEM B . -7.49 3.69 -1.10
C2D HEM B . -7.94 4.48 -2.21
C3D HEM B . -6.95 5.29 -2.57
C4D HEM B . -5.82 5.04 -1.70
CMD HEM B . -9.36 4.33 -2.80
CAD HEM B . -7.00 6.32 -3.73
CBD HEM B . -5.85 6.07 -4.68
CGD HEM B . -5.85 7.20 -5.65
O1D HEM B . -6.77 8.07 -5.58
O2D HEM B . -4.93 7.22 -6.51
NA HEM B . -3.69 4.72 0.42
NB HEM B . -4.17 2.91 2.56
NC HEM B . -6.78 2.22 1.37
ND HEM B . -6.18 4.06 -0.82
FE HEM B . -5.22 3.52 0.96
F1 VOR C . -3.83 -1.05 -4.31
F2 VOR C . 0.08 3.16 -5.49
F3 VOR C . -8.12 0.61 -4.95
O4 VOR C . -2.45 2.98 -4.04
N5 VOR C . -3.08 1.09 -1.71
N6 VOR C . 0.21 -0.31 -4.42
N7 VOR C . -3.81 0.01 -1.34
N8 VOR C . -4.40 1.78 -0.12
N9 VOR C . 2.37 0.70 -4.26
C10 VOR C . -2.63 1.56 -4.09
C11 VOR C . -1.78 0.86 -5.19
C12 VOR C . -2.08 0.98 -2.76
C13 VOR C . -4.11 1.28 -4.31
C14 VOR C . -2.12 1.40 -6.59
C15 VOR C . -0.29 0.85 -4.88
C16 VOR C . -4.65 0.01 -4.43
C17 VOR C . -5.01 2.33 -4.44
C18 VOR C . 0.53 1.97 -5.04
C19 VOR C . -5.98 -0.25 -4.64
C20 VOR C . -6.37 2.11 -4.66
C21 VOR C . -3.45 2.16 -0.96
C22 VOR C . -6.80 0.83 -4.75
C23 VOR C . 1.86 1.85 -4.71
C24 VOR C . 1.51 -0.30 -4.15
C25 VOR C . -4.58 0.47 -0.39
#